data_8CAW
#
_entry.id   8CAW
#
_cell.length_a   104.124
_cell.length_b   51.093
_cell.length_c   102.087
_cell.angle_alpha   90.00
_cell.angle_beta   109.09
_cell.angle_gamma   90.00
#
_symmetry.space_group_name_H-M   'C 1 2 1'
#
loop_
_entity.id
_entity.type
_entity.pdbx_description
1 polymer 'Agrocinopine utilization periplasmic binding protein AccA'
2 non-polymer '[(2R,3R,4S,5S,6R)-6-(hydroxymethyl)-2,4,5-tris(oxidanyl)oxan-3-yl]oxy-N-[9-[(2R,3S,5R)-5-[[[(2R,3S)-4-methyl-2,3-bis(oxidanyl)pentanoyl]amino]-oxidanyl-phosphoryl]oxy-3-oxidanyl-oxolan-2-yl]purin-6-yl]phosphonamidic acid'
3 non-polymer '[(2S,3R,4S,5S,6R)-6-(hydroxymethyl)-2,4,5-tris(oxidanyl)oxan-3-yl]oxy-N-[9-[(2R,3S,5R)-5-[[[(2R,3S)-4-methyl-2,3-bis(oxidanyl)pentanoyl]amino]-oxidanyl-phosphoryl]oxy-3-oxidanyl-oxolan-2-yl]purin-6-yl]phosphonamidic acid'
4 non-polymer 1,2-ETHANEDIOL
5 water water
#
_entity_poly.entity_id   1
_entity_poly.type   'polypeptide(L)'
_entity_poly.pdbx_seq_one_letter_code
;DRRALRIGVNGLPPSLEPINGISNTGPRIINQIFDALIRRDYFADGAKGNNIKLVPALAESFERIDDKSIRFKLRQGVKF
HNGAEMTAEDVAFTFSSERLWGDEAIKTVPNGRNFSPNWDEPVVEDKYTVVLRTKTPSYLIEKYLGSWLGPIVPKEYYKS
LGAVAFGNKPIGTGPYKFRELVANDHVTLEANDGYWGDKPTASTITYQVVAEPATRVAGLISGEYDIITTLTPDDMALVD
GYSDLETRGTLIENLHMFTFNMNQPIFQNKTLRRALALAVNRPLIVEALWKNKASIPNGFNFPHYGATYDPKRKPMEFNL
KEAKRLVKESGYDGTPITYHTMGNYYANAVPALMMMIEMWKAAGITVVPKIFAPGTTPKDSDILIRNWSNGQWLTDGLTT
MVSEFGPGRGVQKRWGWKAPAEFNNLCDQVAQLKDGEERSAAFNRLRDIFEDEAPAVLMYQPYDVYAARKDVQWSPVSFE
TMEFRGNLNFK
;
_entity_poly.pdbx_strand_id   A
#
loop_
_chem_comp.id
_chem_comp.type
_chem_comp.name
_chem_comp.formula
C84 non-polymer '[(2R,3R,4S,5S,6R)-6-(hydroxymethyl)-2,4,5-tris(oxidanyl)oxan-3-yl]oxy-N-[9-[(2R,3S,5R)-5-[[[(2R,3S)-4-methyl-2,3-bis(oxidanyl)pentanoyl]amino]-oxidanyl-phosphoryl]oxy-3-oxidanyl-oxolan-2-yl]purin-6-yl]phosphonamidic acid' 'C21 H34 N6 O16 P2'
EDO non-polymer 1,2-ETHANEDIOL 'C2 H6 O2'
UKU non-polymer '[(2S,3R,4S,5S,6R)-6-(hydroxymethyl)-2,4,5-tris(oxidanyl)oxan-3-yl]oxy-N-[9-[(2R,3S,5R)-5-[[[(2R,3S)-4-methyl-2,3-bis(oxidanyl)pentanoyl]amino]-oxidanyl-phosphoryl]oxy-3-oxidanyl-oxolan-2-yl]purin-6-yl]phosphonamidic acid' 'C21 H34 N6 O16 P2'
#
# COMPACT_ATOMS: atom_id res chain seq x y z
N ASP A 1 -34.12 -3.77 0.67
CA ASP A 1 -34.14 -4.97 -0.17
C ASP A 1 -32.70 -5.54 -0.35
N ARG A 2 -31.69 -4.69 -0.63
CA ARG A 2 -30.31 -5.20 -0.76
C ARG A 2 -29.71 -5.41 0.60
N ARG A 3 -28.87 -6.45 0.72
CA ARG A 3 -28.25 -6.76 1.99
C ARG A 3 -27.19 -5.73 2.35
N ALA A 4 -27.03 -5.50 3.65
CA ALA A 4 -26.02 -4.62 4.23
C ALA A 4 -24.76 -5.50 4.37
N LEU A 5 -23.62 -5.00 3.91
CA LEU A 5 -22.37 -5.73 4.05
C LEU A 5 -21.64 -5.24 5.30
N ARG A 6 -21.15 -6.18 6.12
CA ARG A 6 -20.43 -5.92 7.36
C ARG A 6 -19.03 -6.52 7.24
N ILE A 7 -18.00 -5.66 7.32
CA ILE A 7 -16.62 -6.10 7.16
C ILE A 7 -15.88 -5.81 8.50
N GLY A 8 -15.27 -6.83 9.09
CA GLY A 8 -14.46 -6.68 10.28
C GLY A 8 -13.04 -6.47 9.80
N VAL A 9 -12.46 -5.34 10.13
CA VAL A 9 -11.15 -4.94 9.61
C VAL A 9 -10.09 -4.88 10.69
N ASN A 10 -8.81 -4.86 10.25
CA ASN A 10 -7.70 -4.71 11.17
C ASN A 10 -7.55 -3.26 11.68
N GLY A 11 -8.09 -2.31 10.96
CA GLY A 11 -8.03 -0.92 11.35
C GLY A 11 -8.65 -0.04 10.30
N LEU A 12 -8.77 1.26 10.61
CA LEU A 12 -9.26 2.25 9.67
C LEU A 12 -8.13 3.17 9.29
N PRO A 13 -8.19 3.76 8.08
CA PRO A 13 -7.11 4.64 7.67
C PRO A 13 -7.12 5.94 8.45
N PRO A 14 -6.01 6.67 8.46
CA PRO A 14 -6.00 7.96 9.19
C PRO A 14 -6.84 9.05 8.49
N SER A 15 -7.28 8.80 7.27
CA SER A 15 -8.05 9.76 6.49
C SER A 15 -8.70 9.02 5.31
N LEU A 16 -9.83 9.55 4.80
CA LEU A 16 -10.44 9.04 3.57
C LEU A 16 -10.12 9.93 2.36
N GLU A 17 -9.25 10.92 2.55
CA GLU A 17 -8.69 11.74 1.46
C GLU A 17 -7.79 10.77 0.68
N PRO A 18 -7.96 10.63 -0.64
CA PRO A 18 -7.31 9.53 -1.37
C PRO A 18 -5.83 9.33 -1.12
N ILE A 19 -5.04 10.39 -1.03
CA ILE A 19 -3.60 10.23 -0.90
C ILE A 19 -3.24 10.03 0.58
N ASN A 20 -3.84 10.83 1.45
CA ASN A 20 -3.54 10.71 2.88
C ASN A 20 -4.02 9.39 3.44
N GLY A 21 -4.96 8.74 2.78
CA GLY A 21 -5.46 7.43 3.19
C GLY A 21 -4.72 6.24 2.63
N ILE A 22 -3.61 6.46 1.94
CA ILE A 22 -2.80 5.37 1.41
C ILE A 22 -2.21 4.61 2.60
N SER A 23 -2.55 3.32 2.67
CA SER A 23 -2.24 2.44 3.77
C SER A 23 -2.87 1.09 3.46
N ASN A 24 -2.64 0.08 4.32
CA ASN A 24 -3.28 -1.22 4.12
C ASN A 24 -4.79 -1.15 4.36
N THR A 25 -5.27 -0.12 5.09
CA THR A 25 -6.66 -0.05 5.48
C THR A 25 -7.50 0.90 4.71
N GLY A 26 -6.88 1.83 3.97
CA GLY A 26 -7.66 2.83 3.28
C GLY A 26 -8.28 2.51 1.96
N PRO A 27 -7.53 1.89 1.04
CA PRO A 27 -8.07 1.57 -0.31
C PRO A 27 -9.35 0.78 -0.29
N ARG A 28 -9.53 -0.16 0.66
CA ARG A 28 -10.78 -0.92 0.69
C ARG A 28 -12.03 -0.07 0.90
N ILE A 29 -11.87 1.13 1.44
CA ILE A 29 -12.97 2.08 1.66
C ILE A 29 -12.90 3.13 0.51
N ILE A 30 -11.72 3.67 0.25
CA ILE A 30 -11.54 4.76 -0.73
C ILE A 30 -11.94 4.29 -2.13
N ASN A 31 -11.69 3.04 -2.47
CA ASN A 31 -12.06 2.50 -3.79
C ASN A 31 -13.56 2.52 -3.98
N GLN A 32 -14.33 2.52 -2.90
CA GLN A 32 -15.80 2.51 -3.01
C GLN A 32 -16.32 3.91 -3.15
N ILE A 33 -15.67 4.89 -2.53
CA ILE A 33 -16.14 6.26 -2.57
C ILE A 33 -15.73 6.95 -3.87
N PHE A 34 -14.58 6.61 -4.44
CA PHE A 34 -14.01 7.31 -5.58
C PHE A 34 -13.80 6.45 -6.82
N ASP A 35 -13.64 7.11 -7.96
CA ASP A 35 -13.18 6.50 -9.18
C ASP A 35 -11.98 7.29 -9.66
N ALA A 36 -11.15 6.65 -10.42
CA ALA A 36 -10.04 7.30 -11.09
C ALA A 36 -10.36 7.42 -12.62
N LEU A 37 -9.46 8.03 -13.38
CA LEU A 37 -9.66 8.12 -14.83
C LEU A 37 -9.52 6.79 -15.52
N ILE A 38 -8.74 5.87 -14.92
CA ILE A 38 -8.40 4.57 -15.44
C ILE A 38 -8.56 3.58 -14.29
N ARG A 39 -9.10 2.41 -14.55
CA ARG A 39 -9.30 1.35 -13.55
C ARG A 39 -8.48 0.14 -13.92
N ARG A 40 -7.97 -0.55 -12.87
CA ARG A 40 -7.28 -1.80 -13.08
C ARG A 40 -8.34 -2.88 -13.13
N ASP A 41 -8.41 -3.63 -14.24
CA ASP A 41 -9.39 -4.68 -14.43
C ASP A 41 -8.79 -6.00 -13.97
N TYR A 42 -8.76 -6.19 -12.64
CA TYR A 42 -8.14 -7.37 -11.99
C TYR A 42 -8.58 -8.71 -12.51
N PHE A 43 -9.85 -8.85 -12.95
CA PHE A 43 -10.41 -10.14 -13.38
C PHE A 43 -10.56 -10.30 -14.89
N ALA A 44 -9.90 -9.48 -15.68
CA ALA A 44 -10.02 -9.58 -17.13
C ALA A 44 -9.38 -10.86 -17.64
N ASP A 45 -9.99 -11.46 -18.68
CA ASP A 45 -9.48 -12.64 -19.33
C ASP A 45 -9.26 -13.84 -18.42
N GLY A 46 -10.18 -14.02 -17.49
CA GLY A 46 -10.17 -15.16 -16.58
C GLY A 46 -9.10 -15.11 -15.50
N ALA A 47 -8.38 -13.99 -15.37
CA ALA A 47 -7.34 -13.89 -14.35
C ALA A 47 -7.92 -14.03 -12.95
N LYS A 48 -7.16 -14.64 -12.03
CA LYS A 48 -7.62 -14.83 -10.67
C LYS A 48 -7.29 -13.61 -9.81
N GLY A 49 -7.88 -12.49 -10.18
CA GLY A 49 -7.78 -11.22 -9.47
C GLY A 49 -6.45 -10.51 -9.54
N ASN A 50 -5.57 -10.86 -10.48
CA ASN A 50 -4.24 -10.25 -10.57
C ASN A 50 -3.91 -9.66 -11.92
N ASN A 51 -4.92 -9.50 -12.82
CA ASN A 51 -4.61 -8.87 -14.10
C ASN A 51 -4.20 -7.41 -13.89
N ILE A 52 -3.19 -7.00 -14.62
CA ILE A 52 -2.69 -5.62 -14.63
C ILE A 52 -3.40 -4.71 -15.62
N LYS A 53 -4.25 -5.27 -16.48
CA LYS A 53 -4.91 -4.51 -17.53
C LYS A 53 -5.59 -3.24 -17.01
N LEU A 54 -5.27 -2.13 -17.63
CA LEU A 54 -5.87 -0.86 -17.28
C LEU A 54 -6.90 -0.55 -18.35
N VAL A 55 -8.07 -0.14 -17.93
CA VAL A 55 -9.16 0.16 -18.83
C VAL A 55 -9.77 1.54 -18.49
N PRO A 56 -10.44 2.20 -19.44
CA PRO A 56 -11.05 3.50 -19.12
C PRO A 56 -12.10 3.42 -18.01
N ALA A 57 -12.17 4.48 -17.22
CA ALA A 57 -13.09 4.61 -16.12
C ALA A 57 -13.70 6.05 -16.13
N LEU A 58 -13.28 7.09 -15.36
CA LEU A 58 -13.86 8.43 -15.56
C LEU A 58 -13.40 9.02 -16.91
N ALA A 59 -12.36 8.48 -17.54
CA ALA A 59 -11.96 8.87 -18.88
C ALA A 59 -12.67 7.93 -19.83
N GLU A 60 -13.45 8.45 -20.78
CA GLU A 60 -14.07 7.63 -21.81
C GLU A 60 -12.95 7.12 -22.75
N SER A 61 -11.94 7.97 -23.03
CA SER A 61 -10.82 7.60 -23.87
C SER A 61 -9.63 8.51 -23.58
N PHE A 62 -8.45 8.13 -24.05
CA PHE A 62 -7.25 8.89 -23.89
C PHE A 62 -6.20 8.53 -24.91
N GLU A 63 -5.32 9.49 -25.20
CA GLU A 63 -4.26 9.29 -26.17
C GLU A 63 -3.05 10.04 -25.69
N ARG A 64 -1.89 9.40 -25.77
CA ARG A 64 -0.65 10.06 -25.47
C ARG A 64 -0.34 11.05 -26.60
N ILE A 65 0.04 12.29 -26.23
CA ILE A 65 0.39 13.33 -27.21
C ILE A 65 1.89 13.22 -27.50
N ASP A 66 2.70 13.09 -26.44
CA ASP A 66 4.13 12.98 -26.57
C ASP A 66 4.72 12.32 -25.30
N ASP A 67 6.04 12.32 -25.14
CA ASP A 67 6.65 11.65 -23.97
C ASP A 67 6.31 12.30 -22.61
N LYS A 68 5.56 13.43 -22.57
CA LYS A 68 5.23 14.06 -21.29
C LYS A 68 3.79 14.53 -21.18
N SER A 69 2.88 14.07 -22.06
CA SER A 69 1.51 14.52 -21.94
C SER A 69 0.52 13.56 -22.53
N ILE A 70 -0.65 13.53 -21.94
CA ILE A 70 -1.77 12.68 -22.33
C ILE A 70 -3.02 13.48 -22.33
N ARG A 71 -3.84 13.32 -23.40
CA ARG A 71 -5.11 13.97 -23.47
C ARG A 71 -6.19 12.98 -23.06
N PHE A 72 -7.07 13.37 -22.14
CA PHE A 72 -8.15 12.59 -21.64
C PHE A 72 -9.46 13.20 -22.10
N LYS A 73 -10.34 12.37 -22.67
CA LYS A 73 -11.69 12.72 -23.01
C LYS A 73 -12.50 12.08 -21.93
N LEU A 74 -13.20 12.89 -21.16
CA LEU A 74 -13.92 12.43 -20.01
C LEU A 74 -15.31 11.92 -20.30
N ARG A 75 -15.81 10.99 -19.48
CA ARG A 75 -17.18 10.53 -19.58
C ARG A 75 -18.06 11.69 -19.18
N GLN A 76 -19.16 11.91 -19.90
CA GLN A 76 -20.05 13.02 -19.61
C GLN A 76 -21.22 12.62 -18.74
N GLY A 77 -21.64 13.53 -17.89
CA GLY A 77 -22.79 13.35 -17.02
C GLY A 77 -22.57 12.56 -15.77
N VAL A 78 -21.33 12.52 -15.31
CA VAL A 78 -20.98 11.82 -14.08
C VAL A 78 -21.17 12.78 -12.94
N LYS A 79 -21.79 12.36 -11.86
CA LYS A 79 -22.01 13.21 -10.71
C LYS A 79 -21.23 12.76 -9.48
N PHE A 80 -20.72 13.76 -8.74
CA PHE A 80 -20.19 13.54 -7.41
C PHE A 80 -21.38 13.32 -6.50
N HIS A 81 -21.10 12.77 -5.31
CA HIS A 81 -22.17 12.46 -4.35
C HIS A 81 -22.92 13.70 -3.83
N ASN A 82 -22.34 14.89 -3.95
CA ASN A 82 -23.02 16.13 -3.55
C ASN A 82 -23.84 16.74 -4.69
N GLY A 83 -24.02 16.03 -5.82
CA GLY A 83 -24.76 16.55 -6.96
C GLY A 83 -23.95 17.30 -8.00
N ALA A 84 -22.73 17.76 -7.67
CA ALA A 84 -21.91 18.51 -8.64
C ALA A 84 -21.48 17.60 -9.79
N GLU A 85 -21.45 18.11 -11.03
CA GLU A 85 -21.01 17.33 -12.19
C GLU A 85 -19.50 17.25 -12.20
N MET A 86 -18.94 16.08 -12.57
CA MET A 86 -17.50 15.91 -12.71
C MET A 86 -17.10 16.49 -14.07
N THR A 87 -16.18 17.45 -14.08
CA THR A 87 -15.72 18.05 -15.32
C THR A 87 -14.16 18.03 -15.34
N ALA A 88 -13.53 18.53 -16.42
CA ALA A 88 -12.10 18.71 -16.52
C ALA A 88 -11.55 19.59 -15.41
N GLU A 89 -12.37 20.48 -14.84
CA GLU A 89 -11.92 21.37 -13.76
C GLU A 89 -11.58 20.54 -12.51
N ASP A 90 -12.36 19.53 -12.24
CA ASP A 90 -12.10 18.62 -11.09
C ASP A 90 -10.90 17.77 -11.35
N VAL A 91 -10.77 17.22 -12.58
CA VAL A 91 -9.60 16.40 -12.93
C VAL A 91 -8.32 17.23 -12.87
N ALA A 92 -8.34 18.44 -13.45
CA ALA A 92 -7.19 19.33 -13.35
C ALA A 92 -6.86 19.66 -11.90
N PHE A 93 -7.87 19.93 -11.07
CA PHE A 93 -7.63 20.26 -9.67
C PHE A 93 -6.96 19.07 -8.97
N THR A 94 -7.46 17.86 -9.20
CA THR A 94 -6.92 16.65 -8.58
C THR A 94 -5.40 16.53 -8.71
N PHE A 95 -4.87 16.92 -9.87
CA PHE A 95 -3.44 16.81 -10.15
C PHE A 95 -2.70 18.16 -10.23
N SER A 96 -3.28 19.17 -9.57
CA SER A 96 -2.73 20.52 -9.59
C SER A 96 -1.69 20.75 -8.56
N SER A 97 -0.90 21.81 -8.73
N SER A 97 -0.87 21.80 -8.69
CA SER A 97 0.06 22.27 -7.73
CA SER A 97 0.09 22.15 -7.65
C SER A 97 -0.67 22.62 -6.43
C SER A 97 -0.68 22.60 -6.39
N GLU A 98 -1.84 23.27 -6.56
CA GLU A 98 -2.64 23.69 -5.42
C GLU A 98 -3.03 22.56 -4.51
N ARG A 99 -3.50 21.44 -5.07
CA ARG A 99 -3.98 20.33 -4.24
C ARG A 99 -2.94 19.31 -3.93
N LEU A 100 -2.06 18.96 -4.90
CA LEU A 100 -1.24 17.76 -4.77
C LEU A 100 0.21 17.95 -4.56
N TRP A 101 0.89 18.67 -5.44
CA TRP A 101 2.34 18.67 -5.45
C TRP A 101 3.08 19.98 -5.20
N GLY A 102 2.34 21.07 -4.99
CA GLY A 102 2.99 22.35 -4.71
C GLY A 102 3.48 22.44 -3.27
N ASP A 103 4.25 23.50 -2.96
CA ASP A 103 4.80 23.69 -1.60
C ASP A 103 3.72 23.78 -0.53
N GLU A 104 2.63 24.46 -0.79
CA GLU A 104 1.56 24.61 0.18
C GLU A 104 0.74 23.32 0.28
N ALA A 105 0.47 22.68 -0.86
CA ALA A 105 -0.28 21.42 -0.92
C ALA A 105 0.29 20.37 0.01
N ILE A 106 1.61 20.21 0.02
CA ILE A 106 2.21 19.13 0.80
C ILE A 106 2.21 19.37 2.29
N LYS A 107 1.74 20.56 2.76
CA LYS A 107 1.58 20.77 4.18
C LYS A 107 0.38 19.97 4.69
N THR A 108 -0.63 19.71 3.85
CA THR A 108 -1.81 18.96 4.23
C THR A 108 -1.97 17.63 3.49
N VAL A 109 -1.20 17.37 2.39
CA VAL A 109 -1.16 16.09 1.67
C VAL A 109 0.35 15.78 1.67
N PRO A 110 0.89 15.27 2.80
CA PRO A 110 2.33 15.20 2.95
C PRO A 110 3.12 14.42 1.91
N ASN A 111 2.51 13.38 1.29
CA ASN A 111 3.21 12.61 0.27
C ASN A 111 2.79 12.94 -1.15
N GLY A 112 2.06 14.06 -1.35
CA GLY A 112 1.64 14.44 -2.68
C GLY A 112 2.73 14.61 -3.70
N ARG A 113 3.84 15.21 -3.31
CA ARG A 113 4.98 15.36 -4.16
C ARG A 113 5.83 14.07 -4.15
N ASN A 114 6.08 13.50 -2.95
CA ASN A 114 6.93 12.30 -2.81
C ASN A 114 6.47 11.19 -3.69
N PHE A 115 5.16 10.98 -3.75
CA PHE A 115 4.65 9.85 -4.51
C PHE A 115 4.32 10.14 -5.94
N SER A 116 4.37 11.40 -6.37
CA SER A 116 3.99 11.77 -7.73
C SER A 116 5.19 11.78 -8.67
N PRO A 117 4.88 11.68 -9.98
CA PRO A 117 5.92 11.97 -10.98
C PRO A 117 6.12 13.52 -11.00
N ASN A 118 6.92 14.01 -11.90
CA ASN A 118 7.26 15.45 -11.96
C ASN A 118 6.15 16.22 -12.69
N TRP A 119 4.99 16.35 -12.09
CA TRP A 119 3.84 16.98 -12.72
C TRP A 119 4.11 18.42 -13.13
N ASP A 120 3.52 18.78 -14.26
CA ASP A 120 3.33 20.15 -14.66
C ASP A 120 1.83 20.38 -14.46
N GLU A 121 1.44 21.67 -14.48
CA GLU A 121 0.07 22.01 -14.22
C GLU A 121 -0.88 21.42 -15.31
N PRO A 122 -1.98 20.76 -14.96
CA PRO A 122 -2.91 20.28 -15.98
C PRO A 122 -3.47 21.42 -16.82
N VAL A 123 -3.82 21.10 -18.08
CA VAL A 123 -4.40 22.08 -18.99
C VAL A 123 -5.80 21.64 -19.31
N VAL A 124 -6.78 22.48 -18.94
CA VAL A 124 -8.18 22.28 -19.30
C VAL A 124 -8.42 22.82 -20.72
N GLU A 125 -8.90 21.97 -21.63
CA GLU A 125 -9.13 22.38 -23.02
C GLU A 125 -10.59 22.65 -23.28
N ASP A 126 -11.46 21.85 -22.72
CA ASP A 126 -12.90 22.10 -22.73
C ASP A 126 -13.49 21.41 -21.49
N LYS A 127 -14.79 21.51 -21.27
CA LYS A 127 -15.45 20.92 -20.12
C LYS A 127 -15.14 19.43 -19.95
N TYR A 128 -14.96 18.67 -21.04
CA TYR A 128 -14.67 17.23 -20.91
C TYR A 128 -13.34 16.82 -21.49
N THR A 129 -12.36 17.71 -21.56
CA THR A 129 -11.07 17.41 -22.13
C THR A 129 -10.00 18.08 -21.30
N VAL A 130 -9.04 17.29 -20.81
CA VAL A 130 -7.95 17.76 -19.96
C VAL A 130 -6.67 17.06 -20.37
N VAL A 131 -5.57 17.79 -20.36
CA VAL A 131 -4.27 17.24 -20.68
C VAL A 131 -3.50 17.19 -19.38
N LEU A 132 -3.01 15.99 -19.04
CA LEU A 132 -2.21 15.74 -17.85
C LEU A 132 -0.82 15.53 -18.34
N ARG A 133 0.14 16.13 -17.64
CA ARG A 133 1.49 16.22 -18.12
C ARG A 133 2.54 16.37 -17.06
N THR A 134 3.75 16.04 -17.44
CA THR A 134 4.91 16.18 -16.60
C THR A 134 5.87 17.17 -17.23
N LYS A 135 6.67 17.80 -16.39
CA LYS A 135 7.64 18.80 -16.85
C LYS A 135 8.75 18.19 -17.66
N THR A 136 9.11 16.94 -17.34
CA THR A 136 10.18 16.15 -17.95
C THR A 136 9.54 14.86 -18.50
N PRO A 137 10.25 14.12 -19.40
CA PRO A 137 9.63 12.90 -19.94
C PRO A 137 9.22 11.90 -18.85
N SER A 138 8.11 11.28 -19.07
CA SER A 138 7.59 10.24 -18.15
C SER A 138 6.76 9.27 -18.90
N TYR A 139 7.20 8.00 -18.88
CA TYR A 139 6.49 6.89 -19.50
C TYR A 139 5.56 6.16 -18.53
N LEU A 140 5.35 6.75 -17.35
CA LEU A 140 4.52 6.13 -16.32
C LEU A 140 3.24 6.85 -16.03
N ILE A 141 2.89 7.94 -16.77
CA ILE A 141 1.74 8.75 -16.42
C ILE A 141 0.46 7.91 -16.35
N GLU A 142 0.24 7.04 -17.33
CA GLU A 142 -0.96 6.20 -17.38
C GLU A 142 -1.02 5.31 -16.12
N LYS A 143 0.12 4.72 -15.75
CA LYS A 143 0.15 3.84 -14.59
C LYS A 143 -0.17 4.63 -13.30
N TYR A 144 0.35 5.83 -13.18
CA TYR A 144 0.03 6.68 -12.03
C TYR A 144 -1.45 7.01 -11.94
N LEU A 145 -2.06 7.29 -13.10
CA LEU A 145 -3.45 7.65 -13.08
C LEU A 145 -4.41 6.50 -12.85
N GLY A 146 -3.96 5.27 -13.03
CA GLY A 146 -4.72 4.07 -12.69
C GLY A 146 -4.38 3.51 -11.33
N SER A 147 -3.55 4.19 -10.55
CA SER A 147 -3.13 3.75 -9.25
C SER A 147 -3.92 4.44 -8.14
N TRP A 148 -3.50 4.19 -6.89
CA TRP A 148 -4.11 4.85 -5.73
C TRP A 148 -3.80 6.35 -5.68
N LEU A 149 -2.87 6.85 -6.51
CA LEU A 149 -2.71 8.31 -6.62
C LEU A 149 -3.89 8.95 -7.42
N GLY A 150 -4.61 8.13 -8.21
CA GLY A 150 -5.57 8.59 -9.20
C GLY A 150 -6.99 8.99 -8.83
N PRO A 151 -7.58 8.71 -7.67
CA PRO A 151 -8.97 9.11 -7.42
C PRO A 151 -9.25 10.58 -7.67
N ILE A 152 -10.38 10.85 -8.36
CA ILE A 152 -10.71 12.21 -8.72
C ILE A 152 -11.56 12.82 -7.63
N VAL A 153 -11.13 14.02 -7.17
CA VAL A 153 -11.80 14.73 -6.09
C VAL A 153 -12.62 15.93 -6.61
N PRO A 154 -13.66 16.36 -5.87
CA PRO A 154 -14.45 17.52 -6.32
C PRO A 154 -13.76 18.81 -5.97
N LYS A 155 -13.45 19.62 -6.96
CA LYS A 155 -12.73 20.87 -6.75
C LYS A 155 -13.35 21.83 -5.70
N GLU A 156 -14.64 22.26 -5.90
CA GLU A 156 -15.20 23.26 -5.02
C GLU A 156 -15.39 22.76 -3.61
N TYR A 157 -15.93 21.56 -3.48
CA TYR A 157 -16.14 20.98 -2.17
C TYR A 157 -14.81 20.73 -1.42
N TYR A 158 -13.81 20.18 -2.10
CA TYR A 158 -12.52 19.92 -1.47
C TYR A 158 -11.89 21.24 -1.02
N LYS A 159 -11.87 22.26 -1.89
CA LYS A 159 -11.33 23.57 -1.53
C LYS A 159 -12.08 24.20 -0.34
N SER A 160 -13.38 24.04 -0.27
CA SER A 160 -14.18 24.61 0.83
C SER A 160 -13.83 24.00 2.18
N LEU A 161 -13.37 22.72 2.19
CA LEU A 161 -13.07 22.03 3.43
C LEU A 161 -11.59 21.98 3.78
N GLY A 162 -10.75 21.81 2.76
CA GLY A 162 -9.33 21.53 2.94
C GLY A 162 -9.14 20.02 3.05
N ALA A 163 -7.93 19.53 2.76
CA ALA A 163 -7.68 18.09 2.79
C ALA A 163 -7.99 17.36 4.09
N VAL A 164 -7.69 17.97 5.25
CA VAL A 164 -7.93 17.31 6.53
C VAL A 164 -9.43 17.06 6.75
N ALA A 165 -10.26 18.13 6.66
CA ALA A 165 -11.69 17.96 6.89
C ALA A 165 -12.33 17.13 5.81
N PHE A 166 -11.87 17.26 4.55
CA PHE A 166 -12.37 16.45 3.45
C PHE A 166 -12.15 14.94 3.78
N GLY A 167 -11.04 14.63 4.42
CA GLY A 167 -10.72 13.25 4.80
C GLY A 167 -11.64 12.65 5.83
N ASN A 168 -12.40 13.51 6.53
CA ASN A 168 -13.43 13.03 7.47
C ASN A 168 -14.84 13.08 6.87
N LYS A 169 -15.03 13.76 5.73
CA LYS A 169 -16.34 13.86 5.11
C LYS A 169 -16.11 13.82 3.59
N PRO A 170 -15.61 12.70 3.03
CA PRO A 170 -15.23 12.71 1.60
C PRO A 170 -16.42 12.61 0.65
N ILE A 171 -16.26 13.18 -0.53
CA ILE A 171 -17.22 13.12 -1.61
C ILE A 171 -16.45 12.66 -2.83
N GLY A 172 -16.97 11.67 -3.52
CA GLY A 172 -16.43 11.20 -4.78
C GLY A 172 -17.50 10.87 -5.78
N THR A 173 -17.12 10.14 -6.84
CA THR A 173 -18.08 9.71 -7.86
C THR A 173 -18.40 8.20 -7.78
N GLY A 174 -17.86 7.51 -6.79
CA GLY A 174 -17.91 6.08 -6.73
C GLY A 174 -19.25 5.46 -6.40
N PRO A 175 -19.27 4.12 -6.40
CA PRO A 175 -20.52 3.39 -6.19
C PRO A 175 -21.12 3.44 -4.81
N TYR A 176 -20.35 3.81 -3.81
CA TYR A 176 -20.83 3.93 -2.44
C TYR A 176 -20.45 5.32 -1.94
N LYS A 177 -21.36 5.96 -1.22
CA LYS A 177 -21.15 7.28 -0.66
C LYS A 177 -20.95 7.21 0.82
N PHE A 178 -20.21 8.17 1.35
CA PHE A 178 -19.90 8.22 2.76
C PHE A 178 -21.13 8.55 3.58
N ARG A 179 -21.38 7.83 4.66
CA ARG A 179 -22.49 8.16 5.56
C ARG A 179 -21.92 8.67 6.89
N GLU A 180 -21.05 7.88 7.57
CA GLU A 180 -20.51 8.32 8.85
C GLU A 180 -19.24 7.62 9.23
N LEU A 181 -18.53 8.19 10.19
CA LEU A 181 -17.40 7.53 10.78
C LEU A 181 -17.25 7.90 12.25
N VAL A 182 -16.70 6.96 13.02
CA VAL A 182 -16.29 7.16 14.39
C VAL A 182 -14.85 6.70 14.39
N ALA A 183 -13.90 7.61 14.65
CA ALA A 183 -12.47 7.34 14.57
C ALA A 183 -12.05 6.09 15.33
N ASN A 184 -11.20 5.29 14.70
CA ASN A 184 -10.71 4.04 15.26
C ASN A 184 -11.84 3.06 15.62
N ASP A 185 -13.07 3.23 15.05
CA ASP A 185 -14.19 2.34 15.35
C ASP A 185 -14.90 1.80 14.09
N HIS A 186 -15.55 2.66 13.29
CA HIS A 186 -16.22 2.22 12.08
C HIS A 186 -16.37 3.31 11.06
N VAL A 187 -16.50 2.89 9.80
CA VAL A 187 -16.92 3.74 8.69
C VAL A 187 -18.12 3.07 8.04
N THR A 188 -19.20 3.85 7.80
CA THR A 188 -20.36 3.35 7.11
C THR A 188 -20.48 4.08 5.79
N LEU A 189 -20.72 3.31 4.72
CA LEU A 189 -21.00 3.81 3.37
C LEU A 189 -22.39 3.33 2.99
N GLU A 190 -23.03 4.08 2.07
CA GLU A 190 -24.34 3.75 1.58
C GLU A 190 -24.32 3.71 0.04
N ALA A 191 -25.15 2.86 -0.55
CA ALA A 191 -25.23 2.73 -2.00
C ALA A 191 -25.48 4.05 -2.70
N ASN A 192 -24.70 4.33 -3.73
CA ASN A 192 -24.93 5.52 -4.56
C ASN A 192 -25.69 5.00 -5.78
N ASP A 193 -27.00 5.07 -5.74
CA ASP A 193 -27.82 4.60 -6.86
C ASP A 193 -27.76 5.53 -8.09
N GLY A 194 -27.11 6.69 -7.98
CA GLY A 194 -26.86 7.53 -9.12
C GLY A 194 -25.52 7.25 -9.80
N TYR A 195 -24.90 6.07 -9.52
CA TYR A 195 -23.60 5.70 -10.04
C TYR A 195 -23.63 5.55 -11.58
N TRP A 196 -22.61 6.08 -12.22
CA TRP A 196 -22.46 6.00 -13.68
C TRP A 196 -22.17 4.58 -14.18
N GLY A 197 -21.60 3.71 -13.31
CA GLY A 197 -21.29 2.35 -13.70
C GLY A 197 -22.34 1.38 -13.24
N ASP A 198 -21.95 0.11 -13.03
CA ASP A 198 -22.87 -0.93 -12.59
C ASP A 198 -23.43 -0.57 -11.22
N LYS A 199 -24.72 -0.78 -11.02
CA LYS A 199 -25.40 -0.37 -9.79
C LYS A 199 -24.83 -1.09 -8.55
N PRO A 200 -24.65 -0.40 -7.40
CA PRO A 200 -24.16 -1.10 -6.21
C PRO A 200 -25.12 -2.19 -5.74
N THR A 201 -24.58 -3.31 -5.32
CA THR A 201 -25.33 -4.48 -4.88
C THR A 201 -25.59 -4.54 -3.36
N ALA A 202 -24.93 -3.68 -2.57
CA ALA A 202 -25.11 -3.64 -1.11
C ALA A 202 -25.81 -2.35 -0.74
N SER A 203 -26.74 -2.42 0.22
CA SER A 203 -27.44 -1.22 0.66
C SER A 203 -26.49 -0.30 1.42
N THR A 204 -25.67 -0.89 2.32
CA THR A 204 -24.64 -0.18 3.05
C THR A 204 -23.43 -1.07 3.19
N ILE A 205 -22.27 -0.46 3.40
CA ILE A 205 -21.05 -1.21 3.72
C ILE A 205 -20.54 -0.63 5.05
N THR A 206 -20.32 -1.45 6.06
CA THR A 206 -19.76 -0.99 7.33
C THR A 206 -18.41 -1.68 7.54
N TYR A 207 -17.36 -0.88 7.79
CA TYR A 207 -16.03 -1.37 8.10
C TYR A 207 -15.88 -1.20 9.61
N GLN A 208 -15.85 -2.28 10.38
CA GLN A 208 -15.75 -2.23 11.82
C GLN A 208 -14.38 -2.70 12.29
N VAL A 209 -13.68 -1.89 13.07
CA VAL A 209 -12.38 -2.26 13.60
C VAL A 209 -12.53 -3.31 14.63
N VAL A 210 -11.81 -4.43 14.42
CA VAL A 210 -11.66 -5.50 15.41
C VAL A 210 -10.18 -5.80 15.38
N ALA A 211 -9.42 -5.16 16.24
CA ALA A 211 -7.97 -5.20 16.13
C ALA A 211 -7.33 -6.53 16.33
N GLU A 212 -7.89 -7.36 17.21
CA GLU A 212 -7.30 -8.65 17.50
C GLU A 212 -7.79 -9.74 16.50
N PRO A 213 -6.93 -10.42 15.72
CA PRO A 213 -7.45 -11.37 14.70
C PRO A 213 -8.30 -12.51 15.28
N ALA A 214 -8.01 -12.95 16.50
CA ALA A 214 -8.82 -14.04 17.06
C ALA A 214 -10.27 -13.58 17.26
N THR A 215 -10.44 -12.33 17.70
CA THR A 215 -11.75 -11.72 17.92
C THR A 215 -12.47 -11.53 16.62
N ARG A 216 -11.76 -11.16 15.58
CA ARG A 216 -12.33 -10.94 14.26
C ARG A 216 -12.84 -12.28 13.71
N VAL A 217 -12.06 -13.36 13.85
CA VAL A 217 -12.47 -14.71 13.43
C VAL A 217 -13.70 -15.12 14.19
N ALA A 218 -13.67 -14.90 15.50
CA ALA A 218 -14.84 -15.24 16.33
C ALA A 218 -16.07 -14.48 15.92
N GLY A 219 -15.91 -13.25 15.46
CA GLY A 219 -17.02 -12.45 14.99
C GLY A 219 -17.62 -12.90 13.69
N LEU A 220 -16.82 -13.45 12.77
CA LEU A 220 -17.39 -14.01 11.53
C LEU A 220 -18.20 -15.27 11.93
N ILE A 221 -17.63 -16.08 12.80
CA ILE A 221 -18.29 -17.32 13.23
C ILE A 221 -19.62 -16.99 13.91
N SER A 222 -19.60 -15.97 14.76
CA SER A 222 -20.81 -15.62 15.52
C SER A 222 -21.83 -14.82 14.74
N GLY A 223 -21.63 -14.63 13.43
CA GLY A 223 -22.55 -13.93 12.56
C GLY A 223 -22.52 -12.42 12.65
N GLU A 224 -21.44 -11.83 13.18
CA GLU A 224 -21.34 -10.37 13.27
C GLU A 224 -20.84 -9.72 11.97
N TYR A 225 -20.08 -10.47 11.17
CA TYR A 225 -19.49 -9.97 9.94
C TYR A 225 -19.76 -10.89 8.81
N ASP A 226 -19.78 -10.33 7.62
CA ASP A 226 -19.92 -11.06 6.36
C ASP A 226 -18.55 -11.39 5.81
N ILE A 227 -17.58 -10.48 5.98
CA ILE A 227 -16.21 -10.67 5.48
C ILE A 227 -15.32 -10.14 6.60
N ILE A 228 -14.14 -10.78 6.83
CA ILE A 228 -13.16 -10.28 7.78
C ILE A 228 -11.80 -10.27 7.06
N THR A 229 -10.96 -9.32 7.43
CA THR A 229 -9.69 -9.11 6.75
C THR A 229 -8.50 -9.56 7.62
N THR A 230 -7.33 -9.57 6.98
CA THR A 230 -6.03 -9.60 7.59
C THR A 230 -5.81 -10.83 8.45
N LEU A 231 -6.11 -12.00 7.88
CA LEU A 231 -5.88 -13.28 8.53
C LEU A 231 -4.64 -13.90 7.97
N THR A 232 -4.25 -15.02 8.56
CA THR A 232 -3.10 -15.80 8.14
C THR A 232 -3.51 -17.14 7.61
N PRO A 233 -2.65 -17.83 6.90
CA PRO A 233 -3.02 -19.16 6.38
C PRO A 233 -3.41 -20.17 7.45
N ASP A 234 -2.81 -20.08 8.63
CA ASP A 234 -3.15 -21.01 9.72
C ASP A 234 -4.51 -20.73 10.33
N ASP A 235 -5.13 -19.57 10.06
CA ASP A 235 -6.47 -19.29 10.54
C ASP A 235 -7.54 -20.03 9.72
N MET A 236 -7.17 -20.65 8.57
CA MET A 236 -8.14 -21.33 7.73
C MET A 236 -8.82 -22.45 8.49
N ALA A 237 -8.09 -23.17 9.31
CA ALA A 237 -8.67 -24.27 10.04
C ALA A 237 -9.69 -23.86 11.11
N LEU A 238 -9.64 -22.63 11.58
CA LEU A 238 -10.63 -22.13 12.54
C LEU A 238 -11.94 -21.84 11.85
N VAL A 239 -11.91 -21.46 10.60
CA VAL A 239 -13.07 -21.03 9.83
C VAL A 239 -13.69 -22.17 9.05
N ASP A 240 -12.83 -22.95 8.37
CA ASP A 240 -13.28 -23.93 7.39
C ASP A 240 -14.02 -25.13 7.92
N GLY A 241 -14.00 -25.36 9.21
CA GLY A 241 -14.79 -26.43 9.81
C GLY A 241 -16.28 -26.16 9.65
N TYR A 242 -16.68 -24.87 9.58
CA TYR A 242 -18.06 -24.47 9.39
C TYR A 242 -18.43 -24.51 7.91
N SER A 243 -19.43 -25.31 7.54
N SER A 243 -19.47 -25.29 7.54
CA SER A 243 -19.79 -25.47 6.15
CA SER A 243 -19.89 -25.50 6.16
C SER A 243 -20.12 -24.17 5.42
C SER A 243 -20.30 -24.24 5.39
N ASP A 244 -20.75 -23.18 6.08
CA ASP A 244 -21.18 -21.97 5.40
C ASP A 244 -20.16 -20.81 5.38
N LEU A 245 -18.93 -21.07 5.85
CA LEU A 245 -17.87 -20.08 5.85
C LEU A 245 -16.70 -20.63 5.07
N GLU A 246 -15.83 -19.71 4.63
CA GLU A 246 -14.61 -20.10 3.97
C GLU A 246 -13.58 -19.00 4.00
N THR A 247 -12.36 -19.39 3.73
CA THR A 247 -11.27 -18.43 3.51
C THR A 247 -11.06 -18.23 2.02
N ARG A 248 -10.61 -17.01 1.68
CA ARG A 248 -10.31 -16.59 0.33
C ARG A 248 -8.99 -15.82 0.44
N GLY A 249 -7.97 -16.31 -0.22
CA GLY A 249 -6.66 -15.67 -0.12
C GLY A 249 -5.98 -15.53 -1.44
N THR A 250 -4.93 -14.68 -1.44
CA THR A 250 -4.12 -14.51 -2.62
C THR A 250 -2.82 -13.84 -2.21
N LEU A 251 -1.78 -14.04 -3.00
CA LEU A 251 -0.58 -13.28 -2.84
C LEU A 251 -0.89 -11.88 -3.28
N ILE A 252 -0.49 -10.86 -2.51
CA ILE A 252 -0.78 -9.49 -2.88
C ILE A 252 0.50 -8.76 -3.20
N GLU A 253 0.37 -7.65 -3.90
CA GLU A 253 1.48 -6.82 -4.34
C GLU A 253 1.85 -5.85 -3.23
N ASN A 254 2.33 -6.43 -2.14
CA ASN A 254 2.73 -5.71 -0.92
C ASN A 254 3.94 -6.45 -0.36
N LEU A 255 4.79 -5.71 0.31
CA LEU A 255 5.96 -6.28 0.96
C LEU A 255 5.88 -5.95 2.45
N HIS A 256 5.89 -6.96 3.30
CA HIS A 256 6.11 -6.78 4.72
C HIS A 256 7.60 -6.57 4.94
N MET A 257 7.96 -5.67 5.83
CA MET A 257 9.36 -5.38 6.11
C MET A 257 9.52 -4.91 7.55
N PHE A 258 10.77 -4.73 7.95
CA PHE A 258 11.05 -3.93 9.14
C PHE A 258 12.06 -2.90 8.74
N THR A 259 12.08 -1.80 9.49
CA THR A 259 12.91 -0.65 9.19
C THR A 259 13.33 0.04 10.44
N PHE A 260 14.25 1.01 10.29
CA PHE A 260 14.98 1.57 11.37
C PHE A 260 14.80 3.04 11.48
N ASN A 261 14.89 3.57 12.70
CA ASN A 261 15.03 4.99 12.90
C ASN A 261 16.52 5.30 12.86
N MET A 262 16.99 5.75 11.70
CA MET A 262 18.39 5.96 11.44
C MET A 262 18.88 7.30 11.99
N ASN A 263 18.04 8.01 12.73
CA ASN A 263 18.50 9.12 13.51
C ASN A 263 19.11 8.57 14.83
N GLN A 264 18.78 7.35 15.24
CA GLN A 264 19.29 6.80 16.49
C GLN A 264 20.73 6.38 16.28
N PRO A 265 21.66 6.69 17.20
CA PRO A 265 23.07 6.35 16.96
C PRO A 265 23.37 4.90 16.55
N ILE A 266 22.69 3.92 17.15
CA ILE A 266 22.97 2.51 16.82
C ILE A 266 22.67 2.19 15.35
N PHE A 267 21.80 3.00 14.69
CA PHE A 267 21.43 2.73 13.31
C PHE A 267 21.81 3.85 12.38
N GLN A 268 22.70 4.73 12.83
CA GLN A 268 23.17 5.78 11.92
C GLN A 268 24.01 5.20 10.79
N ASN A 269 24.71 4.11 11.03
CA ASN A 269 25.55 3.45 10.03
C ASN A 269 24.92 2.11 9.62
N LYS A 270 25.31 1.60 8.47
CA LYS A 270 24.72 0.40 7.91
C LYS A 270 25.07 -0.92 8.55
N THR A 271 26.16 -1.00 9.29
CA THR A 271 26.70 -2.32 9.67
C THR A 271 25.73 -3.14 10.49
N LEU A 272 25.19 -2.58 11.57
CA LEU A 272 24.25 -3.38 12.40
C LEU A 272 22.93 -3.58 11.70
N ARG A 273 22.52 -2.62 10.83
CA ARG A 273 21.30 -2.79 10.07
C ARG A 273 21.44 -4.02 9.18
N ARG A 274 22.56 -4.15 8.52
CA ARG A 274 22.76 -5.31 7.65
C ARG A 274 22.97 -6.61 8.44
N ALA A 275 23.56 -6.54 9.63
CA ALA A 275 23.68 -7.73 10.46
C ALA A 275 22.31 -8.25 10.85
N LEU A 276 21.40 -7.34 11.21
CA LEU A 276 20.03 -7.76 11.56
C LEU A 276 19.38 -8.41 10.36
N ALA A 277 19.60 -7.89 9.14
CA ALA A 277 19.03 -8.51 7.97
C ALA A 277 19.59 -9.91 7.72
N LEU A 278 20.91 -10.08 7.80
CA LEU A 278 21.53 -11.35 7.47
C LEU A 278 21.20 -12.44 8.46
N ALA A 279 20.82 -12.06 9.65
CA ALA A 279 20.47 -13.03 10.69
C ALA A 279 19.06 -13.58 10.55
N VAL A 280 18.24 -13.04 9.67
CA VAL A 280 16.87 -13.57 9.53
C VAL A 280 16.83 -14.71 8.59
N ASN A 281 16.26 -15.83 9.01
CA ASN A 281 16.07 -17.05 8.18
C ASN A 281 14.63 -16.98 7.71
N ARG A 282 14.41 -16.28 6.60
N ARG A 282 14.43 -16.28 6.61
CA ARG A 282 13.05 -16.08 6.09
CA ARG A 282 13.09 -16.01 6.09
C ARG A 282 12.37 -17.36 5.73
C ARG A 282 12.36 -17.29 5.65
N PRO A 283 13.03 -18.30 5.04
CA PRO A 283 12.32 -19.56 4.69
C PRO A 283 11.73 -20.26 5.90
N LEU A 284 12.41 -20.20 7.05
CA LEU A 284 11.88 -20.83 8.26
C LEU A 284 10.62 -20.18 8.75
N ILE A 285 10.58 -18.85 8.70
CA ILE A 285 9.39 -18.11 9.12
C ILE A 285 8.22 -18.42 8.15
N VAL A 286 8.53 -18.47 6.86
CA VAL A 286 7.48 -18.71 5.85
C VAL A 286 6.93 -20.13 5.99
N GLU A 287 7.79 -21.09 6.30
CA GLU A 287 7.34 -22.45 6.55
C GLU A 287 6.49 -22.50 7.79
N ALA A 288 6.95 -21.87 8.87
CA ALA A 288 6.29 -22.03 10.15
C ALA A 288 4.99 -21.32 10.21
N LEU A 289 4.92 -20.10 9.69
CA LEU A 289 3.76 -19.25 9.89
C LEU A 289 2.87 -19.01 8.71
N TRP A 290 3.37 -19.31 7.51
CA TRP A 290 2.68 -18.96 6.30
C TRP A 290 2.27 -20.16 5.43
N LYS A 291 2.46 -21.39 5.93
CA LYS A 291 2.23 -22.60 5.14
C LYS A 291 2.96 -22.57 3.79
N ASN A 292 4.12 -21.92 3.73
CA ASN A 292 4.86 -21.78 2.48
C ASN A 292 4.07 -21.06 1.40
N LYS A 293 3.12 -20.20 1.78
CA LYS A 293 2.30 -19.47 0.81
C LYS A 293 2.78 -18.06 0.61
N ALA A 294 3.51 -17.48 1.55
CA ALA A 294 4.12 -16.18 1.32
C ALA A 294 5.30 -16.35 0.37
N SER A 295 5.69 -15.27 -0.30
CA SER A 295 6.76 -15.34 -1.28
C SER A 295 7.90 -14.46 -0.83
N ILE A 296 9.15 -14.94 -0.88
CA ILE A 296 10.28 -14.16 -0.44
C ILE A 296 10.86 -13.54 -1.69
N PRO A 297 10.94 -12.21 -1.78
CA PRO A 297 11.42 -11.63 -3.04
C PRO A 297 12.89 -11.81 -3.21
N ASN A 298 13.31 -11.90 -4.50
CA ASN A 298 14.74 -11.98 -4.81
C ASN A 298 15.29 -10.57 -4.91
N GLY A 299 15.42 -9.92 -3.78
CA GLY A 299 15.75 -8.51 -3.72
C GLY A 299 14.47 -7.67 -3.75
N PHE A 300 14.59 -6.34 -3.80
CA PHE A 300 13.42 -5.42 -3.89
C PHE A 300 12.92 -5.48 -5.36
N ASN A 301 12.23 -6.60 -5.71
CA ASN A 301 12.11 -7.07 -7.07
C ASN A 301 10.99 -8.09 -7.18
N PHE A 302 9.94 -7.76 -7.93
CA PHE A 302 8.70 -8.54 -8.07
C PHE A 302 8.34 -8.76 -9.46
N PRO A 303 7.73 -9.92 -9.76
CA PRO A 303 7.22 -10.12 -11.12
C PRO A 303 6.27 -9.04 -11.62
N HIS A 304 5.39 -8.43 -10.78
CA HIS A 304 4.48 -7.42 -11.38
C HIS A 304 5.21 -6.13 -11.77
N TYR A 305 6.52 -6.00 -11.51
CA TYR A 305 7.28 -4.86 -12.05
C TYR A 305 7.40 -4.98 -13.57
N GLY A 306 7.11 -6.14 -14.16
CA GLY A 306 7.16 -6.30 -15.61
C GLY A 306 8.56 -6.19 -16.16
N ALA A 307 8.81 -5.18 -17.00
CA ALA A 307 10.11 -5.05 -17.61
C ALA A 307 11.21 -4.81 -16.60
N THR A 308 10.89 -4.31 -15.37
CA THR A 308 11.90 -4.11 -14.35
C THR A 308 11.89 -5.21 -13.29
N TYR A 309 11.32 -6.37 -13.59
CA TYR A 309 11.52 -7.54 -12.77
C TYR A 309 12.75 -8.23 -13.33
N ASP A 310 13.67 -8.64 -12.44
CA ASP A 310 14.83 -9.40 -12.86
C ASP A 310 14.67 -10.81 -12.32
N PRO A 311 14.29 -11.79 -13.14
CA PRO A 311 14.11 -13.15 -12.60
C PRO A 311 15.38 -13.86 -12.22
N LYS A 312 16.55 -13.34 -12.64
CA LYS A 312 17.83 -13.99 -12.37
C LYS A 312 18.49 -13.47 -11.10
N ARG A 313 17.96 -12.40 -10.47
CA ARG A 313 18.58 -11.85 -9.29
C ARG A 313 18.56 -12.86 -8.17
N LYS A 314 19.67 -12.94 -7.43
CA LYS A 314 19.80 -13.88 -6.35
C LYS A 314 18.99 -13.44 -5.13
N PRO A 315 18.52 -14.40 -4.31
CA PRO A 315 17.79 -14.00 -3.11
C PRO A 315 18.71 -13.41 -2.03
N MET A 316 18.20 -12.57 -1.07
N MET A 316 18.23 -12.54 -1.08
CA MET A 316 19.10 -12.11 0.00
CA MET A 316 19.17 -12.09 -0.03
C MET A 316 19.40 -13.33 0.89
C MET A 316 19.41 -13.30 0.88
N GLU A 317 20.66 -13.48 1.28
CA GLU A 317 21.05 -14.62 2.04
C GLU A 317 20.74 -14.48 3.53
N PHE A 318 20.53 -15.64 4.10
CA PHE A 318 20.48 -15.86 5.52
C PHE A 318 21.93 -16.33 5.77
N ASN A 319 22.68 -15.60 6.60
CA ASN A 319 24.08 -16.00 6.85
C ASN A 319 24.41 -15.59 8.28
N LEU A 320 24.17 -16.47 9.20
CA LEU A 320 24.41 -16.23 10.60
C LEU A 320 25.86 -15.93 10.90
N LYS A 321 26.79 -16.67 10.29
CA LYS A 321 28.21 -16.40 10.56
C LYS A 321 28.61 -14.99 10.17
N GLU A 322 28.15 -14.49 9.00
CA GLU A 322 28.47 -13.16 8.61
C GLU A 322 27.74 -12.12 9.45
N ALA A 323 26.47 -12.42 9.87
CA ALA A 323 25.78 -11.50 10.75
C ALA A 323 26.62 -11.28 12.04
N LYS A 324 27.13 -12.36 12.60
CA LYS A 324 27.94 -12.28 13.80
C LYS A 324 29.19 -11.46 13.61
N ARG A 325 29.84 -11.63 12.46
N ARG A 325 29.87 -11.60 12.45
CA ARG A 325 31.03 -10.83 12.13
CA ARG A 325 31.04 -10.77 12.15
C ARG A 325 30.68 -9.33 12.05
C ARG A 325 30.66 -9.29 12.10
N LEU A 326 29.52 -8.98 11.48
CA LEU A 326 29.08 -7.58 11.39
C LEU A 326 28.67 -7.03 12.73
N VAL A 327 28.06 -7.86 13.61
CA VAL A 327 27.76 -7.42 14.97
C VAL A 327 29.06 -7.00 15.65
N LYS A 328 30.10 -7.84 15.54
CA LYS A 328 31.39 -7.52 16.17
C LYS A 328 32.03 -6.27 15.54
N GLU A 329 31.95 -6.13 14.22
CA GLU A 329 32.51 -4.95 13.55
C GLU A 329 31.81 -3.69 13.96
N SER A 330 30.48 -3.75 14.14
CA SER A 330 29.69 -2.59 14.51
C SER A 330 30.02 -2.02 15.90
N GLY A 331 30.65 -2.80 16.75
CA GLY A 331 30.92 -2.37 18.10
C GLY A 331 29.71 -2.47 19.00
N TYR A 332 28.71 -3.25 18.58
CA TYR A 332 27.52 -3.48 19.39
C TYR A 332 27.86 -3.90 20.80
N ASP A 333 27.28 -3.17 21.80
CA ASP A 333 27.68 -3.35 23.18
C ASP A 333 26.71 -4.12 24.00
N GLY A 334 25.71 -4.76 23.41
CA GLY A 334 24.74 -5.54 24.19
C GLY A 334 23.49 -4.80 24.58
N THR A 335 23.37 -3.52 24.20
CA THR A 335 22.16 -2.77 24.52
C THR A 335 20.89 -3.42 23.96
N PRO A 336 19.83 -3.65 24.74
CA PRO A 336 18.61 -4.18 24.14
C PRO A 336 18.00 -3.18 23.17
N ILE A 337 17.58 -3.67 22.01
CA ILE A 337 17.02 -2.82 20.95
C ILE A 337 15.53 -3.11 20.86
N THR A 338 14.66 -2.12 20.90
CA THR A 338 13.23 -2.36 20.80
C THR A 338 12.74 -2.55 19.35
N TYR A 339 11.69 -3.33 19.22
CA TYR A 339 11.00 -3.51 17.94
C TYR A 339 9.54 -3.21 18.19
N HIS A 340 9.05 -2.11 17.64
CA HIS A 340 7.67 -1.71 17.83
C HIS A 340 6.74 -2.36 16.80
N THR A 341 5.59 -2.87 17.27
CA THR A 341 4.56 -3.46 16.42
C THR A 341 3.20 -3.12 17.03
N MET A 342 2.26 -2.66 16.21
N MET A 342 2.27 -2.67 16.21
CA MET A 342 0.92 -2.34 16.68
CA MET A 342 0.93 -2.33 16.67
C MET A 342 0.13 -3.63 16.63
C MET A 342 0.12 -3.62 16.65
N GLY A 343 0.46 -4.51 17.55
CA GLY A 343 -0.16 -5.84 17.57
C GLY A 343 0.04 -6.54 16.24
N ASN A 344 -1.03 -7.16 15.71
CA ASN A 344 -1.05 -7.85 14.42
C ASN A 344 -1.85 -7.08 13.42
N TYR A 345 -1.59 -5.78 13.39
CA TYR A 345 -2.07 -4.91 12.32
C TYR A 345 -1.60 -5.49 10.95
N TYR A 346 -0.32 -5.98 10.91
CA TYR A 346 0.17 -6.78 9.82
C TYR A 346 -0.01 -8.23 10.23
N ALA A 347 -0.53 -9.03 9.31
CA ALA A 347 -0.79 -10.43 9.59
C ALA A 347 0.51 -11.14 9.95
N ASN A 348 0.48 -11.88 11.02
CA ASN A 348 1.64 -12.59 11.53
C ASN A 348 2.75 -11.68 12.07
N ALA A 349 2.48 -10.41 12.36
CA ALA A 349 3.52 -9.52 12.88
C ALA A 349 4.16 -9.97 14.15
N VAL A 350 3.34 -10.37 15.13
CA VAL A 350 3.86 -10.74 16.42
C VAL A 350 4.52 -12.09 16.39
N PRO A 351 3.90 -13.12 15.79
CA PRO A 351 4.63 -14.41 15.66
C PRO A 351 5.92 -14.28 14.87
N ALA A 352 5.94 -13.53 13.80
CA ALA A 352 7.17 -13.35 13.01
C ALA A 352 8.23 -12.68 13.85
N LEU A 353 7.84 -11.63 14.61
CA LEU A 353 8.78 -10.96 15.51
C LEU A 353 9.37 -11.89 16.50
N MET A 354 8.51 -12.74 17.11
N MET A 354 8.51 -12.75 17.10
CA MET A 354 9.03 -13.65 18.14
CA MET A 354 9.00 -13.70 18.09
C MET A 354 10.01 -14.66 17.50
C MET A 354 10.07 -14.61 17.47
N MET A 355 9.81 -15.08 16.25
CA MET A 355 10.78 -15.94 15.57
C MET A 355 12.06 -15.19 15.30
N MET A 356 11.94 -13.93 14.88
CA MET A 356 13.13 -13.15 14.57
C MET A 356 13.92 -12.84 15.80
N ILE A 357 13.26 -12.59 16.94
CA ILE A 357 14.01 -12.32 18.18
C ILE A 357 14.95 -13.46 18.51
N GLU A 358 14.51 -14.68 18.28
CA GLU A 358 15.38 -15.85 18.51
C GLU A 358 16.54 -15.88 17.53
N MET A 359 16.30 -15.52 16.26
CA MET A 359 17.36 -15.47 15.24
C MET A 359 18.37 -14.38 15.58
N TRP A 360 17.89 -13.27 16.12
CA TRP A 360 18.78 -12.17 16.49
C TRP A 360 19.61 -12.56 17.72
N LYS A 361 19.00 -13.24 18.69
CA LYS A 361 19.75 -13.73 19.86
C LYS A 361 20.89 -14.63 19.39
N ALA A 362 20.64 -15.51 18.42
CA ALA A 362 21.66 -16.37 17.88
C ALA A 362 22.81 -15.65 17.24
N ALA A 363 22.59 -14.37 16.83
CA ALA A 363 23.65 -13.54 16.30
C ALA A 363 24.31 -12.69 17.35
N GLY A 364 23.85 -12.78 18.60
CA GLY A 364 24.38 -12.02 19.70
C GLY A 364 23.68 -10.73 19.95
N ILE A 365 22.47 -10.53 19.38
CA ILE A 365 21.81 -9.24 19.57
C ILE A 365 20.56 -9.43 20.39
N THR A 366 20.32 -8.56 21.37
CA THR A 366 19.12 -8.59 22.18
C THR A 366 18.12 -7.63 21.58
N VAL A 367 16.98 -8.14 21.08
CA VAL A 367 15.87 -7.34 20.58
C VAL A 367 14.66 -7.66 21.44
N VAL A 368 13.97 -6.60 21.88
CA VAL A 368 12.81 -6.75 22.77
C VAL A 368 11.58 -6.27 22.08
N PRO A 369 10.48 -6.99 22.23
CA PRO A 369 9.25 -6.57 21.56
C PRO A 369 8.60 -5.39 22.28
N LYS A 370 8.02 -4.45 21.56
CA LYS A 370 7.24 -3.36 22.11
C LYS A 370 5.93 -3.35 21.36
N ILE A 371 4.95 -4.06 21.91
CA ILE A 371 3.65 -4.20 21.29
C ILE A 371 2.81 -3.07 21.78
N PHE A 372 2.36 -2.20 20.90
CA PHE A 372 1.54 -1.03 21.30
C PHE A 372 0.12 -1.14 20.76
N ALA A 373 -0.82 -0.43 21.44
CA ALA A 373 -2.25 -0.50 21.19
C ALA A 373 -2.68 0.40 20.09
N PRO A 374 -3.74 0.07 19.30
CA PRO A 374 -4.23 1.03 18.29
C PRO A 374 -4.57 2.39 18.93
N GLY A 375 -4.15 3.49 18.29
CA GLY A 375 -4.34 4.83 18.84
C GLY A 375 -3.41 5.20 19.97
N THR A 376 -2.15 4.71 19.94
CA THR A 376 -1.13 5.03 20.95
C THR A 376 0.16 5.30 20.17
N THR A 377 0.06 6.26 19.22
CA THR A 377 1.13 6.67 18.31
C THR A 377 2.48 6.84 19.04
N PRO A 378 3.44 5.90 18.92
CA PRO A 378 4.74 6.12 19.56
C PRO A 378 5.46 7.32 18.90
N LYS A 379 6.24 8.04 19.68
CA LYS A 379 6.99 9.18 19.20
C LYS A 379 8.11 8.66 18.31
N ASP A 380 8.47 9.36 17.26
CA ASP A 380 9.55 8.87 16.38
C ASP A 380 10.83 8.64 17.16
N SER A 381 11.12 9.53 18.11
CA SER A 381 12.33 9.42 18.90
C SER A 381 12.39 8.21 19.82
N ASP A 382 11.28 7.53 20.06
CA ASP A 382 11.26 6.33 20.87
C ASP A 382 11.36 5.06 20.00
N ILE A 383 11.46 5.19 18.67
N ILE A 383 11.44 5.21 18.66
CA ILE A 383 11.51 4.02 17.81
CA ILE A 383 11.52 4.07 17.73
C ILE A 383 12.95 3.71 17.46
C ILE A 383 12.98 3.73 17.51
N LEU A 384 13.30 2.42 17.53
CA LEU A 384 14.61 1.90 17.13
C LEU A 384 14.28 1.08 15.88
N ILE A 385 13.72 -0.14 16.03
CA ILE A 385 13.21 -0.92 14.87
C ILE A 385 11.66 -0.85 14.92
N ARG A 386 11.05 -0.81 13.74
CA ARG A 386 9.58 -0.91 13.62
C ARG A 386 9.27 -1.75 12.41
N ASN A 387 8.08 -2.39 12.42
CA ASN A 387 7.59 -3.03 11.22
C ASN A 387 6.79 -2.05 10.35
N TRP A 388 6.70 -2.41 9.09
CA TRP A 388 6.04 -1.59 8.09
C TRP A 388 5.66 -2.49 6.90
N SER A 389 4.98 -1.91 5.93
CA SER A 389 4.73 -2.59 4.68
C SER A 389 4.77 -1.59 3.56
N ASN A 390 5.04 -2.04 2.35
CA ASN A 390 4.97 -1.13 1.19
C ASN A 390 4.16 -1.82 0.14
N GLY A 391 3.07 -1.16 -0.29
CA GLY A 391 2.32 -1.61 -1.43
C GLY A 391 3.08 -1.31 -2.70
N GLN A 392 3.18 -2.25 -3.64
CA GLN A 392 3.97 -2.12 -4.86
C GLN A 392 2.96 -1.66 -5.89
N TRP A 393 2.69 -0.37 -5.83
CA TRP A 393 1.48 0.23 -6.35
C TRP A 393 1.47 0.66 -7.79
N LEU A 394 2.59 0.53 -8.54
CA LEU A 394 2.63 0.58 -10.00
C LEU A 394 3.11 -0.79 -10.50
N THR A 395 2.87 -1.13 -11.80
CA THR A 395 3.46 -2.31 -12.43
C THR A 395 4.76 -1.83 -13.00
N ASP A 396 5.62 -1.40 -12.08
CA ASP A 396 6.90 -0.80 -12.35
C ASP A 396 7.74 -0.81 -11.09
N GLY A 397 9.04 -0.98 -11.25
CA GLY A 397 9.95 -1.04 -10.13
C GLY A 397 10.23 0.27 -9.45
N LEU A 398 9.75 1.40 -9.98
CA LEU A 398 10.01 2.70 -9.37
C LEU A 398 9.34 2.80 -8.02
N THR A 399 8.22 2.16 -7.84
CA THR A 399 7.60 2.09 -6.56
C THR A 399 7.90 0.73 -5.98
N THR A 400 8.21 0.63 -4.68
CA THR A 400 8.42 1.74 -3.70
C THR A 400 9.83 2.07 -3.42
N MET A 401 10.79 1.52 -4.19
CA MET A 401 12.18 1.85 -3.95
C MET A 401 12.37 3.39 -4.02
N VAL A 402 11.90 4.02 -5.08
CA VAL A 402 12.07 5.45 -5.20
C VAL A 402 11.05 6.23 -4.39
N SER A 403 9.78 5.83 -4.46
CA SER A 403 8.75 6.61 -3.80
C SER A 403 8.81 6.67 -2.30
N GLU A 404 9.39 5.64 -1.65
CA GLU A 404 9.60 5.67 -0.22
C GLU A 404 11.04 5.97 0.13
N PHE A 405 12.01 5.40 -0.60
CA PHE A 405 13.40 5.49 -0.19
C PHE A 405 14.25 6.51 -0.93
N GLY A 406 13.64 7.23 -1.86
CA GLY A 406 14.34 8.17 -2.70
C GLY A 406 14.69 9.49 -2.05
N PRO A 407 15.46 10.32 -2.76
CA PRO A 407 15.88 11.59 -2.17
C PRO A 407 14.73 12.49 -1.77
N GLY A 408 14.87 13.10 -0.60
CA GLY A 408 13.88 14.03 -0.07
C GLY A 408 12.63 13.43 0.50
N ARG A 409 12.50 12.10 0.41
CA ARG A 409 11.30 11.37 0.80
C ARG A 409 11.41 10.84 2.22
N GLY A 410 10.39 10.12 2.70
CA GLY A 410 10.28 9.85 4.13
C GLY A 410 11.44 9.16 4.81
N VAL A 411 11.97 8.10 4.18
CA VAL A 411 12.98 7.31 4.84
C VAL A 411 14.26 8.13 5.04
N GLN A 412 14.63 8.95 4.06
CA GLN A 412 15.80 9.78 4.16
C GLN A 412 15.51 11.01 5.03
N LYS A 413 14.39 11.68 4.82
CA LYS A 413 14.13 12.95 5.52
C LYS A 413 13.64 12.78 6.94
N ARG A 414 12.65 11.98 7.14
CA ARG A 414 12.10 11.76 8.48
C ARG A 414 12.89 10.76 9.28
N TRP A 415 13.24 9.63 8.66
CA TRP A 415 13.86 8.57 9.39
C TRP A 415 15.38 8.52 9.29
N GLY A 416 15.99 9.51 8.70
CA GLY A 416 17.42 9.73 8.82
C GLY A 416 18.36 8.94 7.98
N TRP A 417 17.88 8.16 7.00
CA TRP A 417 18.79 7.41 6.17
C TRP A 417 19.70 8.32 5.34
N LYS A 418 20.99 8.20 5.54
CA LYS A 418 22.00 8.96 4.78
C LYS A 418 22.37 8.09 3.59
N ALA A 419 21.60 8.20 2.53
CA ALA A 419 21.81 7.39 1.35
C ALA A 419 23.04 7.84 0.60
N PRO A 420 23.75 6.90 -0.03
CA PRO A 420 24.84 7.30 -0.91
C PRO A 420 24.34 8.21 -2.03
N ALA A 421 25.22 9.16 -2.49
CA ALA A 421 24.84 10.06 -3.54
C ALA A 421 24.42 9.38 -4.80
N GLU A 422 25.06 8.25 -5.12
CA GLU A 422 24.73 7.53 -6.35
C GLU A 422 23.37 6.88 -6.29
N PHE A 423 22.91 6.51 -5.12
CA PHE A 423 21.54 6.01 -4.96
C PHE A 423 20.57 7.10 -5.41
N ASN A 424 20.78 8.33 -4.88
CA ASN A 424 19.87 9.43 -5.23
C ASN A 424 19.93 9.84 -6.69
N ASN A 425 21.11 9.75 -7.30
CA ASN A 425 21.24 10.00 -8.74
C ASN A 425 20.48 8.98 -9.55
N LEU A 426 20.62 7.68 -9.23
CA LEU A 426 19.88 6.64 -9.88
C LEU A 426 18.40 6.79 -9.73
N CYS A 427 17.94 7.18 -8.56
CA CYS A 427 16.50 7.39 -8.33
C CYS A 427 15.95 8.44 -9.29
N ASP A 428 16.69 9.50 -9.45
CA ASP A 428 16.24 10.56 -10.32
C ASP A 428 16.25 10.09 -11.78
N GLN A 429 17.27 9.37 -12.17
CA GLN A 429 17.42 8.88 -13.54
C GLN A 429 16.29 7.98 -14.01
N VAL A 430 15.91 7.00 -13.19
CA VAL A 430 14.94 6.00 -13.61
C VAL A 430 13.55 6.57 -13.86
N ALA A 431 13.27 7.79 -13.41
CA ALA A 431 11.95 8.38 -13.64
C ALA A 431 11.77 8.88 -15.05
N GLN A 432 12.86 9.17 -15.77
CA GLN A 432 12.82 9.65 -17.16
C GLN A 432 13.20 8.62 -18.20
N LEU A 433 13.65 7.47 -17.77
CA LEU A 433 14.22 6.46 -18.62
C LEU A 433 13.15 5.46 -19.00
N LYS A 434 13.05 5.17 -20.30
CA LYS A 434 12.12 4.19 -20.76
C LYS A 434 12.60 2.77 -20.40
N ASP A 435 11.65 1.83 -20.34
CA ASP A 435 12.03 0.43 -20.09
C ASP A 435 12.98 -0.11 -21.11
N GLY A 436 13.83 -1.02 -20.66
CA GLY A 436 14.89 -1.52 -21.52
C GLY A 436 16.07 -1.99 -20.69
N GLU A 437 17.15 -2.37 -21.35
CA GLU A 437 18.32 -2.91 -20.63
C GLU A 437 18.91 -1.92 -19.65
N GLU A 438 18.98 -0.66 -20.06
CA GLU A 438 19.60 0.35 -19.19
C GLU A 438 18.79 0.54 -17.92
N ARG A 439 17.47 0.64 -18.03
CA ARG A 439 16.60 0.83 -16.87
C ARG A 439 16.66 -0.39 -15.99
N SER A 440 16.64 -1.57 -16.57
CA SER A 440 16.73 -2.80 -15.76
C SER A 440 18.05 -2.88 -15.00
N ALA A 441 19.19 -2.50 -15.64
CA ALA A 441 20.45 -2.51 -14.94
C ALA A 441 20.47 -1.42 -13.86
N ALA A 442 19.87 -0.24 -14.09
CA ALA A 442 19.87 0.82 -13.10
C ALA A 442 19.09 0.36 -11.86
N PHE A 443 17.96 -0.37 -12.07
CA PHE A 443 17.26 -0.87 -10.90
C PHE A 443 18.09 -1.91 -10.15
N ASN A 444 18.86 -2.73 -10.86
CA ASN A 444 19.73 -3.66 -10.17
C ASN A 444 20.82 -2.91 -9.40
N ARG A 445 21.31 -1.79 -9.92
CA ARG A 445 22.30 -1.02 -9.16
C ARG A 445 21.67 -0.39 -7.90
N LEU A 446 20.40 0.05 -7.98
CA LEU A 446 19.71 0.54 -6.81
C LEU A 446 19.54 -0.54 -5.79
N ARG A 447 19.13 -1.74 -6.25
CA ARG A 447 18.91 -2.88 -5.36
C ARG A 447 20.21 -3.24 -4.65
N ASP A 448 21.33 -3.19 -5.36
CA ASP A 448 22.63 -3.50 -4.72
C ASP A 448 22.92 -2.54 -3.56
N ILE A 449 22.70 -1.25 -3.76
CA ILE A 449 22.93 -0.25 -2.71
C ILE A 449 21.95 -0.48 -1.58
N PHE A 450 20.69 -0.73 -1.92
CA PHE A 450 19.66 -0.95 -0.91
C PHE A 450 20.05 -2.12 0.02
N GLU A 451 20.52 -3.23 -0.57
CA GLU A 451 20.93 -4.39 0.18
C GLU A 451 22.14 -4.10 1.06
N ASP A 452 23.09 -3.36 0.55
CA ASP A 452 24.26 -3.02 1.34
C ASP A 452 23.92 -2.10 2.51
N GLU A 453 23.04 -1.16 2.27
CA GLU A 453 22.73 -0.12 3.24
C GLU A 453 21.71 -0.57 4.24
N ALA A 454 20.81 -1.47 3.85
CA ALA A 454 19.76 -1.97 4.70
C ALA A 454 18.99 -0.88 5.45
N PRO A 455 18.45 0.13 4.72
CA PRO A 455 17.55 1.08 5.42
C PRO A 455 16.23 0.44 5.84
N ALA A 456 15.90 -0.67 5.18
CA ALA A 456 14.82 -1.56 5.58
C ALA A 456 15.23 -2.96 5.20
N VAL A 457 14.54 -3.93 5.79
CA VAL A 457 14.81 -5.35 5.52
C VAL A 457 13.50 -5.92 5.07
N LEU A 458 13.49 -6.48 3.88
CA LEU A 458 12.29 -7.06 3.30
C LEU A 458 12.11 -8.43 3.83
N MET A 459 10.90 -8.73 4.32
CA MET A 459 10.58 -10.05 4.88
C MET A 459 9.99 -10.93 3.78
N TYR A 460 8.85 -10.56 3.24
CA TYR A 460 8.14 -11.35 2.26
C TYR A 460 6.94 -10.61 1.73
N GLN A 461 6.40 -11.10 0.65
CA GLN A 461 5.14 -10.71 0.11
C GLN A 461 4.14 -11.62 0.82
N PRO A 462 3.18 -11.04 1.57
CA PRO A 462 2.23 -11.88 2.29
C PRO A 462 1.25 -12.55 1.38
N TYR A 463 0.74 -13.67 1.85
CA TYR A 463 -0.43 -14.35 1.27
C TYR A 463 -1.60 -13.78 2.10
N ASP A 464 -2.31 -12.86 1.55
CA ASP A 464 -3.40 -12.17 2.21
C ASP A 464 -4.58 -13.12 2.32
N VAL A 465 -5.17 -13.23 3.52
CA VAL A 465 -6.27 -14.13 3.74
C VAL A 465 -7.45 -13.38 4.34
N TYR A 466 -8.59 -13.50 3.67
CA TYR A 466 -9.85 -13.01 4.17
C TYR A 466 -10.69 -14.24 4.53
N ALA A 467 -11.71 -14.03 5.34
CA ALA A 467 -12.70 -15.07 5.58
C ALA A 467 -14.06 -14.45 5.30
N ALA A 468 -14.99 -15.29 4.83
CA ALA A 468 -16.26 -14.80 4.39
C ALA A 468 -17.33 -15.89 4.49
N ARG A 469 -18.58 -15.42 4.59
CA ARG A 469 -19.74 -16.28 4.46
C ARG A 469 -19.83 -16.72 2.98
N LYS A 470 -20.10 -18.01 2.76
CA LYS A 470 -20.22 -18.50 1.39
C LYS A 470 -21.38 -17.84 0.64
N ASP A 471 -22.36 -17.26 1.37
CA ASP A 471 -23.47 -16.57 0.72
C ASP A 471 -23.14 -15.18 0.23
N VAL A 472 -21.88 -14.74 0.33
CA VAL A 472 -21.43 -13.47 -0.20
C VAL A 472 -20.37 -13.85 -1.23
N GLN A 473 -20.67 -13.67 -2.51
CA GLN A 473 -19.78 -14.01 -3.61
C GLN A 473 -18.92 -12.78 -3.87
N TRP A 474 -17.65 -12.89 -3.54
CA TRP A 474 -16.68 -11.82 -3.66
C TRP A 474 -15.30 -12.46 -3.67
N SER A 475 -14.46 -12.10 -4.64
CA SER A 475 -13.11 -12.61 -4.76
C SER A 475 -12.08 -11.54 -4.41
N PRO A 476 -11.06 -11.89 -3.62
CA PRO A 476 -9.98 -10.95 -3.38
C PRO A 476 -9.22 -10.60 -4.66
N VAL A 477 -8.49 -9.49 -4.64
CA VAL A 477 -7.58 -9.10 -5.72
C VAL A 477 -6.14 -9.07 -5.19
N SER A 478 -5.18 -9.04 -6.09
CA SER A 478 -3.76 -9.09 -5.68
C SER A 478 -3.19 -7.76 -5.23
N PHE A 479 -3.95 -7.03 -4.43
CA PHE A 479 -3.54 -5.71 -3.94
C PHE A 479 -4.26 -5.46 -2.60
N GLU A 480 -3.72 -4.52 -1.82
CA GLU A 480 -4.23 -4.17 -0.48
C GLU A 480 -5.47 -3.33 -0.63
N THR A 481 -6.48 -3.91 -1.30
CA THR A 481 -7.78 -3.27 -1.50
C THR A 481 -8.84 -4.35 -1.65
N MET A 482 -10.15 -3.92 -1.73
CA MET A 482 -11.27 -4.79 -1.99
C MET A 482 -12.03 -4.16 -3.14
N GLU A 483 -12.26 -4.96 -4.19
CA GLU A 483 -12.94 -4.50 -5.35
C GLU A 483 -14.32 -5.11 -5.34
N PHE A 484 -15.38 -4.31 -5.38
CA PHE A 484 -16.73 -4.86 -5.46
C PHE A 484 -17.41 -4.67 -6.84
N ARG A 485 -16.78 -3.93 -7.75
CA ARG A 485 -17.34 -3.70 -9.08
C ARG A 485 -17.29 -5.03 -9.82
N GLY A 486 -18.46 -5.55 -10.22
CA GLY A 486 -18.57 -6.82 -10.91
C GLY A 486 -18.14 -7.99 -10.05
N ASN A 487 -18.08 -7.79 -8.71
CA ASN A 487 -17.47 -8.73 -7.81
C ASN A 487 -18.11 -8.73 -6.44
N LEU A 488 -19.41 -8.58 -6.34
CA LEU A 488 -20.10 -8.63 -5.07
C LEU A 488 -21.54 -9.00 -5.30
N ASN A 489 -21.89 -10.24 -5.05
CA ASN A 489 -23.26 -10.72 -5.21
C ASN A 489 -23.69 -11.51 -3.99
N PHE A 490 -24.93 -11.32 -3.55
CA PHE A 490 -25.45 -11.98 -2.37
C PHE A 490 -26.34 -13.13 -2.77
N LYS A 491 -26.23 -14.26 -2.03
CA LYS A 491 -26.99 -15.51 -2.09
C LYS A 491 -26.40 -16.47 -3.11
OAZ C84 B . 2.38 8.04 11.06
CBI C84 B . 2.69 7.27 12.23
OAY C84 B . 2.04 5.97 12.08
CAR C84 B . 4.20 7.05 12.41
CBG C84 B . 4.43 5.62 11.99
OAG C84 B . 5.34 5.51 10.85
CBP C84 B . 3.02 4.99 11.77
N9 C84 B . 2.76 4.33 10.37
C8 C84 B . 3.04 4.90 9.20
N7 C84 B . 2.60 4.08 8.24
C5 C84 B . 1.75 3.18 8.79
C4 C84 B . 1.87 3.33 10.13
N3 C84 B . 1.27 2.47 10.96
C2 C84 B . 0.43 1.34 10.47
N1 C84 B . 0.57 1.15 8.98
C6 C84 B . 1.29 2.02 8.26
N6 C84 B . 1.26 2.00 6.92
CAA C84 B . -1.89 12.42 10.82
CBF C84 B . -0.90 12.85 11.93
CAB C84 B . -1.14 14.37 12.16
CBK C84 B . -1.10 12.06 13.27
OAJ C84 B . -0.13 12.54 14.23
CBJ C84 B . -0.92 10.52 13.19
OAI C84 B . -1.91 9.87 12.37
CBB C84 B . 0.52 10.15 12.78
OAC C84 B . 1.34 9.91 13.66
NAV C84 B . 0.80 10.06 11.45
PBR C84 B . 2.40 9.65 11.01
OAM C84 B . 3.45 10.08 11.97
OAD C84 B . 2.72 9.87 9.57
PBS C84 B . 0.72 0.69 6.03
OAN C84 B . 1.81 -0.34 6.10
OAE C84 B . -0.67 0.24 6.27
OBA C84 B . 0.68 1.31 4.55
CBO C84 B . 1.80 1.44 3.65
CBM C84 B . 2.12 2.92 3.49
OAL C84 B . 2.62 3.44 4.73
CBL C84 B . 3.09 3.13 2.31
OAK C84 B . 3.22 4.52 2.10
CBN C84 B . 2.51 2.48 1.08
CAQ C84 B . 3.42 2.52 -0.14
OAF C84 B . 4.66 2.03 0.21
OAX C84 B . 2.36 1.06 1.32
CBH C84 B . 1.42 0.84 2.33
OAH C84 B . 1.21 -0.48 2.38
H1 C84 B . 2.29 7.78 13.11
H2 C84 B . 4.75 7.75 11.79
H3 C84 B . 4.47 7.18 13.45
H4 C84 B . 4.96 5.12 12.82
H5 C84 B . 5.15 6.22 10.17
H6 C84 B . 2.85 4.18 12.49
H7 C84 B . 3.66 5.77 9.02
H9 C84 B . 1.85 2.65 6.45
H10 C84 B . -1.76 11.37 10.57
H11 C84 B . -1.72 13.03 9.94
H12 C84 B . -2.91 12.58 11.18
H13 C84 B . 0.12 12.72 11.57
H14 C84 B . -0.96 14.90 11.22
H15 C84 B . -0.45 14.75 12.91
H16 C84 B . -2.17 14.53 12.47
H17 C84 B . -2.10 12.27 13.66
H18 C84 B . -0.30 12.15 15.13
H19 C84 B . -1.07 10.12 14.21
H20 C84 B . -1.75 8.88 12.37
H21 C84 B . 0.13 10.26 10.74
H24 C84 B . 2.70 0.95 4.02
H25 C84 B . 1.18 3.45 3.28
H26 C84 B . 2.74 4.42 4.69
H27 C84 B . 4.05 2.68 2.57
H28 C84 B . 3.66 4.94 2.89
H29 C84 B . 1.54 2.91 0.85
H30 C84 B . 3.52 3.56 -0.52
H31 C84 B . 3.02 1.87 -0.91
H32 C84 B . 5.27 2.75 0.53
H34 C84 B . 0.50 -0.70 1.71
CAA UKU C . -1.89 12.42 10.82
CBF UKU C . -0.90 12.85 11.93
CAB UKU C . -1.14 14.37 12.16
CBK UKU C . -1.10 12.06 13.27
OAJ UKU C . -0.13 12.54 14.23
CBJ UKU C . -0.92 10.52 13.19
OAI UKU C . -1.91 9.87 12.37
CBB UKU C . 0.52 10.15 12.78
OAC UKU C . 1.34 9.91 13.66
NAV UKU C . 0.80 10.06 11.45
PBR UKU C . 2.40 9.65 11.01
OAD UKU C . 3.45 10.08 11.97
OAM UKU C . 2.72 9.87 9.57
OAZ UKU C . 2.38 8.04 11.06
CBI UKU C . 2.69 7.27 12.23
OAY UKU C . 2.04 5.97 12.08
CAR UKU C . 4.20 7.05 12.41
CBG UKU C . 4.43 5.62 11.99
OAG UKU C . 5.34 5.51 10.85
CBP UKU C . 3.02 4.99 11.77
N9 UKU C . 2.76 4.33 10.37
C8 UKU C . 3.04 4.90 9.20
N7 UKU C . 2.60 4.08 8.24
C5 UKU C . 1.75 3.18 8.79
C4 UKU C . 1.87 3.33 10.13
N3 UKU C . 1.27 2.47 10.96
C2 UKU C . 0.43 1.34 10.47
N1 UKU C . 0.57 1.15 8.98
C6 UKU C . 1.29 2.02 8.26
N6 UKU C . 1.26 2.00 6.92
PBS UKU C . 0.72 0.69 6.03
OAN UKU C . 1.81 -0.34 6.10
OAE UKU C . -0.67 0.24 6.27
OBA UKU C . 0.68 1.31 4.55
CBO UKU C . 1.80 1.44 3.65
CBH UKU C . 1.42 0.84 2.33
OAH UKU C . 0.10 1.10 2.00
OAX UKU C . 2.36 1.06 1.32
CBN UKU C . 2.51 2.48 1.08
CAQ UKU C . 3.42 2.52 -0.14
OAF UKU C . 4.66 2.03 0.21
CBL UKU C . 3.09 3.13 2.31
OAK UKU C . 3.22 4.52 2.10
CBM UKU C . 2.12 2.92 3.49
OAL UKU C . 2.62 3.44 4.73
H10 UKU C . -2.91 12.58 11.18
H13 UKU C . 0.12 12.72 11.57
H16 UKU C . -2.17 14.53 12.47
H14 UKU C . -0.96 14.90 11.22
H15 UKU C . -0.45 14.75 12.91
H17 UKU C . -2.10 12.27 13.66
H18 UKU C . -0.30 12.15 15.13
H19 UKU C . -1.07 10.12 14.21
H20 UKU C . -1.75 8.88 12.37
H21 UKU C . 0.13 10.26 10.74
H1 UKU C . 2.29 7.78 13.11
H2 UKU C . 4.75 7.75 11.79
H3 UKU C . 4.47 7.18 13.45
H4 UKU C . 4.96 5.12 12.82
H5 UKU C . 5.15 6.22 10.17
H6 UKU C . 2.85 4.18 12.49
H7 UKU C . 3.66 5.77 9.02
H9 UKU C . 1.85 2.65 6.45
H24 UKU C . 2.70 0.95 4.02
H34 UKU C . -0.29 0.28 1.56
H29 UKU C . 1.54 2.91 0.85
H31 UKU C . 3.02 1.87 -0.91
H30 UKU C . 3.52 3.56 -0.52
H32 UKU C . 5.27 2.75 0.53
H27 UKU C . 4.05 2.68 2.57
H28 UKU C . 3.66 4.94 2.89
H25 UKU C . 1.18 3.45 3.28
H26 UKU C . 2.74 4.42 4.69
C1 EDO D . -3.77 -14.81 16.48
O1 EDO D . -4.41 -14.87 15.22
C2 EDO D . -4.62 -15.41 17.58
O2 EDO D . -4.68 -14.57 18.72
H11 EDO D . -3.47 -13.78 16.72
H12 EDO D . -2.86 -15.41 16.38
HO1 EDO D . -4.55 -15.80 15.01
H21 EDO D . -4.16 -16.36 17.91
H22 EDO D . -5.62 -15.65 17.21
HO2 EDO D . -5.08 -15.08 19.44
#